data_4L8O
#
_entry.id   4L8O
#
_cell.length_a   52.956
_cell.length_b   52.956
_cell.length_c   428.627
_cell.angle_alpha   90.000
_cell.angle_beta   90.000
_cell.angle_gamma   120.000
#
_symmetry.space_group_name_H-M   'H 3 2'
#
loop_
_entity.id
_entity.type
_entity.pdbx_description
1 polymer 'Bile acid 7a-dehydratase, BaiE'
2 non-polymer 'COBALT (II) ION'
3 non-polymer 'SODIUM ION'
4 non-polymer 'SULFATE ION'
5 non-polymer 1,2-ETHANEDIOL
6 water water
#
_entity_poly.entity_id   1
_entity_poly.type   'polypeptide(L)'
_entity_poly.pdbx_seq_one_letter_code
;MGSDKIHHHHHHENLYFQGMSIEERLEALEKEIQKMKDIEEIKKLKGQYFRCLDGKFWDELETTLSPNIVTSYSNGKLVF
HGPKEVTDYFKKAMPREEISMHMGHTPEITIDSETTATGRWYLEDKLIFTEESKYAGSGVNGGAFYTDKYEKVDGKWYIL
ETGYLRVYEEHFMRDPKIKITMNMHKTK
;
_entity_poly.pdbx_strand_id   A
#
# COMPACT_ATOMS: atom_id res chain seq x y z
N MET A 20 -40.86 -0.51 -10.87
CA MET A 20 -39.69 -0.74 -11.77
C MET A 20 -39.81 -2.05 -12.55
N SER A 21 -39.26 -2.05 -13.77
CA SER A 21 -39.29 -3.21 -14.67
C SER A 21 -38.47 -4.38 -14.12
N ILE A 22 -38.66 -5.56 -14.71
CA ILE A 22 -37.80 -6.71 -14.46
C ILE A 22 -36.36 -6.40 -14.90
N GLU A 23 -36.20 -5.93 -16.13
CA GLU A 23 -34.88 -5.67 -16.71
C GLU A 23 -34.16 -4.50 -16.02
N GLU A 24 -34.91 -3.49 -15.61
CA GLU A 24 -34.37 -2.37 -14.83
C GLU A 24 -33.86 -2.81 -13.46
N ARG A 25 -34.60 -3.72 -12.81
CA ARG A 25 -34.23 -4.24 -11.49
C ARG A 25 -32.99 -5.15 -11.55
N LEU A 26 -32.94 -6.02 -12.57
CA LEU A 26 -31.71 -6.80 -12.88
C LEU A 26 -30.50 -5.91 -13.23
N GLU A 27 -30.74 -4.83 -13.97
CA GLU A 27 -29.68 -3.87 -14.35
C GLU A 27 -29.18 -3.13 -13.11
N ALA A 28 -30.12 -2.64 -12.29
CA ALA A 28 -29.82 -1.99 -11.01
C ALA A 28 -29.08 -2.89 -10.01
N LEU A 29 -29.44 -4.17 -9.97
CA LEU A 29 -28.73 -5.16 -9.12
C LEU A 29 -27.34 -5.49 -9.67
N GLU A 30 -27.24 -5.63 -10.99
CA GLU A 30 -25.97 -5.93 -11.65
C GLU A 30 -24.90 -4.84 -11.44
N LYS A 31 -25.30 -3.58 -11.43
N LYS A 31 -25.31 -3.58 -11.43
CA LYS A 31 -24.37 -2.48 -11.17
CA LYS A 31 -24.37 -2.48 -11.17
C LYS A 31 -23.96 -2.41 -9.71
C LYS A 31 -23.97 -2.39 -9.71
N GLU A 32 -24.87 -2.75 -8.80
CA GLU A 32 -24.58 -2.80 -7.35
C GLU A 32 -23.62 -3.93 -7.00
N ILE A 33 -23.84 -5.11 -7.55
CA ILE A 33 -22.91 -6.24 -7.37
C ILE A 33 -21.52 -5.90 -7.92
N GLN A 34 -21.46 -5.25 -9.08
CA GLN A 34 -20.18 -4.87 -9.66
C GLN A 34 -19.43 -3.91 -8.73
N LYS A 35 -20.16 -2.92 -8.18
CA LYS A 35 -19.57 -1.95 -7.25
C LYS A 35 -18.99 -2.63 -6.01
N MET A 36 -19.75 -3.59 -5.45
CA MET A 36 -19.27 -4.32 -4.27
CA MET A 36 -19.31 -4.37 -4.29
C MET A 36 -18.11 -5.27 -4.61
N LYS A 37 -18.05 -5.81 -5.82
CA LYS A 37 -16.87 -6.57 -6.27
C LYS A 37 -15.63 -5.67 -6.37
N ASP A 38 -15.84 -4.43 -6.86
CA ASP A 38 -14.74 -3.47 -7.03
C ASP A 38 -14.14 -3.06 -5.69
N ILE A 39 -15.01 -2.71 -4.75
CA ILE A 39 -14.63 -2.45 -3.37
C ILE A 39 -13.80 -3.59 -2.77
N GLU A 40 -14.26 -4.83 -2.95
CA GLU A 40 -13.57 -5.99 -2.42
C GLU A 40 -12.18 -6.18 -3.07
N GLU A 41 -12.13 -6.04 -4.39
CA GLU A 41 -10.87 -6.13 -5.16
C GLU A 41 -9.84 -5.07 -4.76
N ILE A 42 -10.31 -3.87 -4.48
CA ILE A 42 -9.45 -2.78 -4.04
C ILE A 42 -8.89 -3.03 -2.61
N LYS A 43 -9.74 -3.51 -1.68
CA LYS A 43 -9.27 -3.91 -0.35
C LYS A 43 -8.23 -5.04 -0.41
N LYS A 44 -8.49 -6.00 -1.29
CA LYS A 44 -7.57 -7.12 -1.53
C LYS A 44 -6.26 -6.62 -2.13
N LEU A 45 -6.35 -5.69 -3.08
CA LEU A 45 -5.17 -5.07 -3.74
C LEU A 45 -4.28 -4.40 -2.70
N LYS A 46 -4.90 -3.64 -1.81
CA LYS A 46 -4.19 -2.94 -0.74
C LYS A 46 -3.51 -3.91 0.22
N GLY A 47 -4.19 -5.00 0.57
CA GLY A 47 -3.55 -6.04 1.37
C GLY A 47 -2.33 -6.64 0.74
N GLN A 48 -2.43 -6.92 -0.56
CA GLN A 48 -1.32 -7.44 -1.35
C GLN A 48 -0.19 -6.44 -1.38
N TYR A 49 -0.53 -5.16 -1.58
CA TYR A 49 0.45 -4.06 -1.61
C TYR A 49 1.27 -4.04 -0.32
N PHE A 50 0.59 -3.97 0.83
CA PHE A 50 1.33 -3.92 2.10
C PHE A 50 2.17 -5.17 2.37
N ARG A 51 1.62 -6.36 2.09
CA ARG A 51 2.35 -7.62 2.21
C ARG A 51 3.62 -7.66 1.34
N CYS A 52 3.51 -7.25 0.10
CA CYS A 52 4.67 -7.23 -0.80
C CYS A 52 5.71 -6.15 -0.45
N LEU A 53 5.24 -5.03 0.08
CA LEU A 53 6.10 -3.94 0.51
C LEU A 53 6.94 -4.36 1.71
N ASP A 54 6.26 -4.87 2.75
CA ASP A 54 6.95 -5.30 3.97
C ASP A 54 7.74 -6.60 3.79
N GLY A 55 7.20 -7.50 2.97
CA GLY A 55 7.95 -8.69 2.56
C GLY A 55 9.08 -8.46 1.57
N LYS A 56 9.18 -7.25 1.01
CA LYS A 56 10.13 -6.92 -0.05
C LYS A 56 10.02 -7.89 -1.23
N PHE A 57 8.78 -8.21 -1.60
CA PHE A 57 8.45 -9.08 -2.73
C PHE A 57 8.17 -8.15 -3.88
N TRP A 58 9.25 -7.63 -4.45
CA TRP A 58 9.19 -6.47 -5.36
C TRP A 58 8.54 -6.76 -6.72
N ASP A 59 8.75 -7.97 -7.23
CA ASP A 59 8.13 -8.39 -8.48
C ASP A 59 6.60 -8.35 -8.39
N GLU A 60 6.05 -8.87 -7.29
CA GLU A 60 4.61 -8.90 -7.11
C GLU A 60 4.04 -7.50 -6.76
N LEU A 61 4.81 -6.72 -6.00
CA LEU A 61 4.39 -5.36 -5.66
C LEU A 61 4.26 -4.49 -6.91
N GLU A 62 5.16 -4.67 -7.85
CA GLU A 62 5.05 -3.99 -9.12
C GLU A 62 3.68 -4.19 -9.81
N THR A 63 3.10 -5.39 -9.67
CA THR A 63 1.79 -5.69 -10.25
C THR A 63 0.63 -4.93 -9.57
N THR A 64 0.83 -4.34 -8.40
CA THR A 64 -0.23 -3.55 -7.74
C THR A 64 -0.37 -2.13 -8.29
N LEU A 65 0.61 -1.69 -9.07
CA LEU A 65 0.76 -0.29 -9.43
C LEU A 65 0.27 -0.10 -10.84
N SER A 66 -0.50 0.96 -11.07
CA SER A 66 -1.04 1.24 -12.39
C SER A 66 0.12 1.41 -13.37
N PRO A 67 -0.07 0.94 -14.61
CA PRO A 67 0.90 1.23 -15.70
C PRO A 67 1.11 2.71 -15.92
N ASN A 68 0.09 3.51 -15.57
CA ASN A 68 0.08 4.96 -15.72
C ASN A 68 0.67 5.70 -14.54
N ILE A 69 1.16 5.00 -13.52
CA ILE A 69 1.66 5.64 -12.31
C ILE A 69 2.85 6.55 -12.62
N VAL A 70 2.75 7.79 -12.14
CA VAL A 70 3.85 8.72 -12.09
C VAL A 70 3.91 9.30 -10.68
N THR A 71 5.11 9.27 -10.09
CA THR A 71 5.34 9.57 -8.68
C THR A 71 6.59 10.49 -8.54
N SER A 72 6.66 11.25 -7.45
CA SER A 72 7.74 12.24 -7.21
C SER A 72 8.53 11.98 -5.92
N TYR A 73 9.75 12.53 -5.87
CA TYR A 73 10.61 12.47 -4.66
C LYS A 77 12.44 16.24 -10.88
N LEU A 78 12.60 15.49 -9.79
CA LEU A 78 12.88 14.05 -9.84
C LEU A 78 11.63 13.18 -9.63
N VAL A 79 11.08 12.72 -10.77
CA VAL A 79 9.94 11.80 -10.80
C VAL A 79 10.29 10.38 -11.28
N PHE A 80 9.44 9.43 -10.90
CA PHE A 80 9.48 8.05 -11.37
C PHE A 80 8.27 7.80 -12.26
N HIS A 81 8.49 7.21 -13.43
CA HIS A 81 7.43 6.84 -14.36
C HIS A 81 7.30 5.33 -14.48
N GLY A 82 6.10 4.82 -14.20
CA GLY A 82 5.79 3.42 -14.39
C GLY A 82 6.08 2.56 -13.16
N PRO A 83 5.46 1.36 -13.08
CA PRO A 83 5.65 0.45 -11.95
C PRO A 83 7.10 0.04 -11.64
N LYS A 84 7.93 -0.10 -12.67
CA LYS A 84 9.30 -0.58 -12.48
C LYS A 84 10.19 0.48 -11.84
N GLU A 85 10.09 1.72 -12.30
CA GLU A 85 10.87 2.82 -11.71
C GLU A 85 10.48 3.06 -10.25
N VAL A 86 9.18 2.99 -9.98
CA VAL A 86 8.63 3.20 -8.63
C VAL A 86 9.07 2.07 -7.70
N THR A 87 8.92 0.82 -8.15
N THR A 87 8.91 0.82 -8.13
CA THR A 87 9.33 -0.35 -7.38
CA THR A 87 9.36 -0.31 -7.31
C THR A 87 10.85 -0.45 -7.22
C THR A 87 10.86 -0.33 -7.15
N ASP A 88 11.59 0.05 -8.20
CA ASP A 88 13.06 0.15 -8.14
C ASP A 88 13.51 1.14 -7.05
N TYR A 89 12.84 2.28 -6.96
CA TYR A 89 13.03 3.21 -5.86
C TYR A 89 12.79 2.56 -4.48
N PHE A 90 11.66 1.83 -4.32
CA PHE A 90 11.35 1.19 -3.03
C PHE A 90 12.41 0.20 -2.62
N LYS A 91 12.92 -0.56 -3.60
CA LYS A 91 13.99 -1.52 -3.40
C LYS A 91 15.27 -0.88 -2.77
N LYS A 92 15.57 0.35 -3.15
CA LYS A 92 16.72 1.08 -2.62
C LYS A 92 16.39 1.82 -1.31
N ALA A 93 15.21 2.41 -1.22
CA ALA A 93 14.79 3.12 -0.01
C ALA A 93 14.42 2.19 1.17
N MET A 94 14.16 0.90 0.90
CA MET A 94 13.73 -0.08 1.93
C MET A 94 14.60 -1.34 1.87
N PRO A 95 15.91 -1.18 2.19
CA PRO A 95 16.83 -2.32 2.04
C PRO A 95 16.56 -3.44 3.06
N ARG A 96 17.17 -4.60 2.80
CA ARG A 96 17.13 -5.80 3.68
C ARG A 96 17.23 -5.50 5.18
N GLU A 97 18.05 -4.49 5.51
CA GLU A 97 18.39 -4.11 6.88
C GLU A 97 17.30 -3.31 7.60
N GLU A 98 16.20 -3.00 6.92
CA GLU A 98 15.07 -2.29 7.51
C GLU A 98 13.88 -3.22 7.54
N ILE A 99 13.46 -3.59 8.75
CA ILE A 99 12.19 -4.28 8.93
C ILE A 99 11.11 -3.21 8.99
N SER A 100 10.10 -3.33 8.12
CA SER A 100 9.01 -2.36 8.07
C SER A 100 7.73 -3.09 8.30
N MET A 101 6.80 -2.43 9.00
CA MET A 101 5.41 -2.86 9.07
C MET A 101 4.51 -1.68 8.78
N HIS A 102 3.71 -1.81 7.72
CA HIS A 102 2.73 -0.81 7.32
C HIS A 102 1.37 -1.44 7.48
N MET A 103 0.66 -1.03 8.53
CA MET A 103 -0.50 -1.71 9.04
C MET A 103 -1.72 -0.82 8.81
N GLY A 104 -2.58 -1.26 7.89
CA GLY A 104 -3.75 -0.47 7.50
C GLY A 104 -4.96 -0.88 8.26
N HIS A 105 -5.77 0.12 8.63
CA HIS A 105 -6.95 -0.06 9.46
C HIS A 105 -8.13 0.67 8.85
N THR A 106 -9.30 0.12 9.11
CA THR A 106 -10.60 0.75 8.91
C THR A 106 -10.68 1.57 7.64
N PRO A 107 -10.64 0.89 6.47
CA PRO A 107 -10.75 1.62 5.21
C PRO A 107 -12.08 2.34 4.99
N GLU A 108 -12.04 3.43 4.21
CA GLU A 108 -13.24 4.04 3.67
C GLU A 108 -13.05 4.08 2.15
N ILE A 109 -13.68 3.12 1.45
CA ILE A 109 -13.57 3.02 -0.01
C ILE A 109 -14.79 3.66 -0.73
N THR A 110 -14.52 4.53 -1.70
CA THR A 110 -15.54 5.12 -2.53
C THR A 110 -15.21 4.83 -3.99
N ILE A 111 -16.17 4.22 -4.68
CA ILE A 111 -16.08 3.95 -6.09
C ILE A 111 -16.61 5.21 -6.77
N ASP A 112 -15.75 5.89 -7.52
CA ASP A 112 -16.09 7.21 -8.12
C ASP A 112 -16.75 7.05 -9.49
N SER A 113 -16.30 6.06 -10.24
CA SER A 113 -16.88 5.68 -11.51
C SER A 113 -16.55 4.20 -11.71
N GLU A 114 -16.93 3.65 -12.86
CA GLU A 114 -16.64 2.25 -13.16
C GLU A 114 -15.14 1.92 -13.25
N THR A 115 -14.30 2.92 -13.51
CA THR A 115 -12.84 2.73 -13.64
C THR A 115 -11.97 3.53 -12.65
N THR A 116 -12.58 4.21 -11.68
CA THR A 116 -11.85 5.04 -10.73
C THR A 116 -12.43 4.89 -9.35
N ALA A 117 -11.56 4.98 -8.35
CA ALA A 117 -11.97 4.92 -6.97
C ALA A 117 -11.00 5.66 -6.08
N THR A 118 -11.46 5.98 -4.87
CA THR A 118 -10.68 6.62 -3.83
C THR A 118 -10.83 5.76 -2.58
N GLY A 119 -9.78 5.69 -1.77
CA GLY A 119 -9.77 4.88 -0.56
C GLY A 119 -8.99 5.53 0.56
N ARG A 120 -9.62 5.66 1.72
CA ARG A 120 -8.91 6.14 2.94
C ARG A 120 -8.50 4.93 3.77
N TRP A 121 -7.25 4.95 4.25
CA TRP A 121 -6.69 3.89 5.11
C TRP A 121 -5.94 4.57 6.26
N TYR A 122 -6.19 4.08 7.47
CA TYR A 122 -5.53 4.60 8.65
C TYR A 122 -4.30 3.74 8.91
N LEU A 123 -3.12 4.31 8.73
CA LEU A 123 -1.86 3.56 8.84
C LEU A 123 -1.23 3.72 10.18
N GLU A 124 -0.78 2.61 10.75
CA GLU A 124 0.28 2.61 11.72
C GLU A 124 1.50 2.01 11.05
N ASP A 125 2.64 2.68 11.22
CA ASP A 125 3.89 2.27 10.60
C ASP A 125 4.95 2.11 11.67
N LYS A 126 5.75 1.07 11.53
CA LYS A 126 6.90 0.82 12.36
C LYS A 126 8.09 0.50 11.48
N LEU A 127 9.24 1.05 11.82
CA LEU A 127 10.50 0.76 11.13
CA LEU A 127 10.49 0.72 11.13
C LEU A 127 11.50 0.35 12.19
N ILE A 128 12.24 -0.73 11.93
CA ILE A 128 13.34 -1.17 12.79
C ILE A 128 14.60 -1.30 11.92
N PHE A 129 15.71 -0.74 12.38
CA PHE A 129 16.97 -0.79 11.66
C PHE A 129 17.86 -1.80 12.34
N THR A 130 18.23 -2.83 11.59
CA THR A 130 18.94 -3.97 12.16
C THR A 130 20.44 -3.67 12.14
N GLU A 131 21.23 -4.60 12.65
CA GLU A 131 22.65 -4.31 12.98
C GLU A 131 23.54 -4.00 11.79
N GLU A 132 23.14 -4.43 10.59
CA GLU A 132 23.91 -4.06 9.39
C GLU A 132 23.55 -2.70 8.80
N SER A 133 22.47 -2.06 9.28
CA SER A 133 22.15 -0.71 8.83
C SER A 133 23.18 0.31 9.34
N LYS A 134 23.43 1.34 8.52
CA LYS A 134 24.12 2.54 8.96
C LYS A 134 23.42 3.21 10.17
N TYR A 135 22.09 3.04 10.26
CA TYR A 135 21.28 3.53 11.38
C TYR A 135 20.90 2.41 12.37
N ALA A 136 21.75 1.38 12.48
CA ALA A 136 21.50 0.25 13.38
C ALA A 136 21.03 0.68 14.77
N GLY A 137 20.02 0.01 15.29
CA GLY A 137 19.42 0.38 16.59
C GLY A 137 18.24 1.36 16.51
N SER A 138 18.09 2.08 15.41
CA SER A 138 17.02 3.07 15.30
C SER A 138 15.66 2.41 15.07
N GLY A 139 14.64 3.04 15.66
CA GLY A 139 13.24 2.73 15.44
C GLY A 139 12.51 4.00 15.03
N VAL A 140 11.47 3.82 14.22
CA VAL A 140 10.57 4.88 13.87
C VAL A 140 9.16 4.31 13.99
N ASN A 141 8.27 5.03 14.67
CA ASN A 141 6.84 4.71 14.74
C ASN A 141 6.03 5.91 14.26
N GLY A 142 4.90 5.66 13.64
CA GLY A 142 4.05 6.74 13.25
C GLY A 142 2.65 6.30 12.93
N GLY A 143 1.86 7.30 12.57
CA GLY A 143 0.53 7.07 12.07
C GLY A 143 0.21 8.09 11.01
N ALA A 144 -0.69 7.72 10.11
CA ALA A 144 -1.06 8.56 8.97
C ALA A 144 -2.45 8.18 8.43
N PHE A 145 -3.13 9.19 7.95
CA PHE A 145 -4.37 9.09 7.20
C PHE A 145 -3.94 9.16 5.74
N TYR A 146 -4.02 8.00 5.06
CA TYR A 146 -3.70 7.88 3.65
C TYR A 146 -4.97 8.02 2.84
N THR A 147 -4.84 8.66 1.68
CA THR A 147 -5.86 8.67 0.65
C THR A 147 -5.20 8.10 -0.63
N ASP A 148 -5.70 6.95 -1.10
CA ASP A 148 -5.26 6.34 -2.35
C ASP A 148 -6.24 6.69 -3.45
N LYS A 149 -5.73 6.80 -4.68
CA LYS A 149 -6.54 6.76 -5.89
C LYS A 149 -6.23 5.48 -6.64
N TYR A 150 -7.30 4.84 -7.12
CA TYR A 150 -7.18 3.59 -7.86
C TYR A 150 -7.80 3.77 -9.23
N GLU A 151 -7.28 3.02 -10.18
CA GLU A 151 -7.95 2.91 -11.46
C GLU A 151 -7.99 1.48 -11.96
N LYS A 152 -8.98 1.24 -12.81
CA LYS A 152 -9.21 -0.05 -13.41
C LYS A 152 -8.74 0.03 -14.87
N VAL A 153 -7.66 -0.68 -15.18
CA VAL A 153 -7.08 -0.73 -16.51
C VAL A 153 -7.17 -2.16 -17.01
N ASP A 154 -7.77 -2.35 -18.19
CA ASP A 154 -7.96 -3.69 -18.77
C ASP A 154 -8.55 -4.70 -17.76
N GLY A 155 -9.57 -4.25 -17.03
CA GLY A 155 -10.37 -5.12 -16.15
C GLY A 155 -9.77 -5.51 -14.81
N LYS A 156 -8.73 -4.78 -14.38
CA LYS A 156 -8.07 -5.04 -13.10
C LYS A 156 -7.79 -3.70 -12.38
N TRP A 157 -8.05 -3.66 -11.07
CA TRP A 157 -7.78 -2.46 -10.26
C TRP A 157 -6.32 -2.36 -9.88
N TYR A 158 -5.81 -1.12 -9.96
CA TYR A 158 -4.44 -0.78 -9.59
C TYR A 158 -4.38 0.45 -8.72
N ILE A 159 -3.27 0.62 -8.01
CA ILE A 159 -2.96 1.83 -7.25
C ILE A 159 -2.37 2.84 -8.25
N LEU A 160 -3.02 4.00 -8.37
CA LEU A 160 -2.59 5.09 -9.28
C LEU A 160 -1.75 6.15 -8.57
N GLU A 161 -2.17 6.53 -7.38
CA GLU A 161 -1.40 7.45 -6.54
C GLU A 161 -1.81 7.39 -5.09
N THR A 162 -0.96 7.93 -4.26
CA THR A 162 -1.17 7.87 -2.84
C THR A 162 -0.66 9.15 -2.23
N GLY A 163 -1.28 9.51 -1.11
CA GLY A 163 -0.86 10.64 -0.31
C GLY A 163 -1.41 10.47 1.10
N TYR A 164 -0.80 11.18 2.05
CA TYR A 164 -1.15 11.02 3.44
C TYR A 164 -1.08 12.34 4.17
N LEU A 165 -1.73 12.35 5.33
CA LEU A 165 -1.61 13.36 6.34
C LEU A 165 -0.94 12.63 7.51
N ARG A 166 0.26 13.05 7.90
CA ARG A 166 0.96 12.46 9.04
C ARG A 166 0.27 12.82 10.34
N VAL A 167 -0.16 11.81 11.11
CA VAL A 167 -0.77 12.07 12.42
C VAL A 167 0.34 12.39 13.43
N TYR A 168 1.33 11.50 13.50
CA TYR A 168 2.57 11.75 14.22
C TYR A 168 3.67 10.82 13.72
N GLU A 169 4.91 11.17 14.08
CA GLU A 169 6.05 10.33 13.86
C GLU A 169 7.02 10.51 15.02
N GLU A 170 7.65 9.42 15.46
CA GLU A 170 8.68 9.46 16.49
C GLU A 170 9.94 8.66 16.12
N HIS A 171 11.10 9.19 16.51
CA HIS A 171 12.40 8.60 16.23
C HIS A 171 13.10 8.34 17.56
N PHE A 172 13.78 7.22 17.65
CA PHE A 172 14.40 6.81 18.91
C PHE A 172 15.42 5.72 18.68
N MET A 173 16.32 5.57 19.65
CA MET A 173 17.22 4.43 19.69
C MET A 173 16.55 3.31 20.48
N ARG A 174 16.46 2.14 19.85
CA ARG A 174 15.92 0.97 20.52
C ARG A 174 16.82 0.52 21.68
N ASP A 175 16.19 0.11 22.78
CA ASP A 175 16.83 -0.61 23.88
C ASP A 175 17.72 -1.68 23.26
N PRO A 176 19.04 -1.63 23.53
CA PRO A 176 19.94 -2.62 22.93
C PRO A 176 19.77 -4.07 23.47
N LYS A 177 19.09 -4.22 24.61
CA LYS A 177 18.77 -5.54 25.17
C LYS A 177 17.61 -6.27 24.46
N ILE A 178 16.86 -5.60 23.58
CA ILE A 178 15.85 -6.27 22.74
C ILE A 178 16.55 -7.25 21.78
N LYS A 179 16.21 -8.54 21.87
CA LYS A 179 16.74 -9.56 20.98
C LYS A 179 15.72 -9.76 19.86
N ILE A 180 16.15 -9.48 18.62
CA ILE A 180 15.41 -9.87 17.44
C ILE A 180 15.69 -11.35 17.16
N THR A 181 14.74 -12.22 17.49
CA THR A 181 14.95 -13.66 17.34
C THR A 181 14.53 -14.18 15.98
N MET A 182 13.66 -13.46 15.28
CA MET A 182 13.28 -13.86 13.91
C MET A 182 13.19 -12.64 13.04
N ASN A 183 13.53 -12.86 11.77
CA ASN A 183 13.63 -11.83 10.76
C ASN A 183 13.69 -12.50 9.38
N MET A 184 12.59 -12.41 8.63
CA MET A 184 12.53 -12.95 7.26
C MET A 184 13.58 -12.37 6.27
N HIS A 185 14.09 -11.17 6.55
CA HIS A 185 15.08 -10.51 5.68
C HIS A 185 16.53 -10.92 5.94
N LYS A 186 16.80 -11.62 7.05
CA LYS A 186 18.17 -12.08 7.42
C LYS A 186 18.68 -13.29 6.61
N THR A 187 19.94 -13.64 6.83
CA THR A 187 20.62 -14.77 6.15
C THR A 187 20.29 -16.14 6.77
#